data_6PZG
#
_entry.id   6PZG
#
_cell.length_a   102.770
_cell.length_b   102.770
_cell.length_c   80.359
_cell.angle_alpha   90.00
_cell.angle_beta   90.00
_cell.angle_gamma   120.00
#
_symmetry.space_group_name_H-M   'P 32 2 1'
#
loop_
_entity.id
_entity.type
_entity.pdbx_description
1 polymer 'NA-80 Fab light chain'
2 polymer 'NA-80 Fab heavy chain'
3 water water
#
loop_
_entity_poly.entity_id
_entity_poly.type
_entity_poly.pdbx_seq_one_letter_code
_entity_poly.pdbx_strand_id
1 'polypeptide(L)'
;DDIVMTQSPSSLSASVGDRVTISCRASQSISSYLNWYQQKPGKAPKLLIYAASSLQSGVPSRFSGSASGTDFTLTISSLQ
PEDFATYYCQQSYSAPFTFGPGTKVDIERTVAAPSVFIFPPSDEQLKSGTASVVCLLNNFYPREAKVQWKVDNALQSGNS
QESVTEQDSKDSTYSLSSTLTLSKADYEKHKVYACEVTHQGLSSPVTKSFNRGEC
;
L
2 'polypeptide(L)'
;DQVQLVQSGAEVKRPGASVKVSCKASGYTFISYGISWVRQAPGQGLEWMGWISAYNGNTNYAQNLQGRVTMTTDTSTSTA
YMELRSLRSDDTAVYYCARVIPGTAVDYFDYWGQGTLVTVSSASTKGPSVFPLAPSSKSTSGGTAALGCLVKDYFPEPVT
VSWNSGALTSGVHTFPAVLQSSGLYSLSSVVTVPSSSLGTQTYICNVNHKPSNTKVDKRVEPKSCHHHHHH
;
H
#
# COMPACT_ATOMS: atom_id res chain seq x y z
N ASP A 1 -2.53 -9.62 28.19
CA ASP A 1 -1.88 -10.59 27.28
C ASP A 1 -1.67 -10.01 25.90
N ASP A 2 -0.41 -10.03 25.44
CA ASP A 2 -0.04 -9.63 24.09
CA ASP A 2 -0.02 -9.63 24.09
C ASP A 2 -0.12 -10.87 23.20
N ILE A 3 -1.27 -11.05 22.55
CA ILE A 3 -1.53 -12.24 21.76
C ILE A 3 -1.10 -11.99 20.32
N VAL A 4 -0.28 -12.90 19.79
CA VAL A 4 0.24 -12.81 18.44
C VAL A 4 -0.61 -13.70 17.55
N MET A 5 -1.14 -13.12 16.47
CA MET A 5 -1.94 -13.83 15.49
C MET A 5 -1.08 -14.02 14.27
N THR A 6 -0.92 -15.26 13.85
CA THR A 6 -0.17 -15.56 12.64
C THR A 6 -1.14 -16.06 11.58
N GLN A 7 -0.79 -15.82 10.33
CA GLN A 7 -1.62 -16.30 9.25
C GLN A 7 -0.78 -17.06 8.25
N SER A 8 -1.33 -18.16 7.76
CA SER A 8 -0.67 -18.95 6.74
C SER A 8 -1.66 -19.32 5.65
N PRO A 9 -1.27 -19.24 4.38
CA PRO A 9 0.00 -18.66 3.94
C PRO A 9 -0.09 -17.14 3.93
N SER A 10 1.03 -16.44 3.74
CA SER A 10 0.99 -14.99 3.61
CA SER A 10 1.01 -14.99 3.60
C SER A 10 0.38 -14.53 2.29
N SER A 11 0.38 -15.40 1.28
CA SER A 11 -0.24 -15.05 0.03
C SER A 11 -0.60 -16.34 -0.65
N LEU A 12 -1.66 -16.30 -1.44
CA LEU A 12 -1.95 -17.42 -2.30
C LEU A 12 -2.64 -16.89 -3.54
N SER A 13 -2.56 -17.67 -4.61
CA SER A 13 -3.22 -17.36 -5.87
C SER A 13 -4.32 -18.37 -6.14
N ALA A 14 -5.43 -17.89 -6.67
CA ALA A 14 -6.56 -18.78 -6.93
C ALA A 14 -7.30 -18.30 -8.18
N SER A 15 -8.12 -19.20 -8.71
CA SER A 15 -9.01 -18.90 -9.81
C SER A 15 -10.46 -18.88 -9.37
N VAL A 16 -11.26 -18.13 -10.11
CA VAL A 16 -12.69 -18.13 -9.88
C VAL A 16 -13.20 -19.56 -9.94
N GLY A 17 -13.99 -19.94 -8.95
CA GLY A 17 -14.55 -21.27 -8.80
C GLY A 17 -13.77 -22.17 -7.86
N ASP A 18 -12.57 -21.75 -7.47
CA ASP A 18 -11.75 -22.54 -6.57
C ASP A 18 -12.30 -22.51 -5.15
N ARG A 19 -12.07 -23.61 -4.44
CA ARG A 19 -12.23 -23.60 -2.98
C ARG A 19 -10.94 -23.07 -2.36
N VAL A 20 -11.05 -22.08 -1.50
CA VAL A 20 -9.89 -21.39 -0.93
C VAL A 20 -9.99 -21.49 0.57
N THR A 21 -8.88 -21.86 1.21
CA THR A 21 -8.84 -21.99 2.67
C THR A 21 -7.66 -21.19 3.19
N ILE A 22 -7.92 -20.35 4.19
CA ILE A 22 -6.90 -19.50 4.79
C ILE A 22 -6.85 -19.82 6.27
N SER A 23 -5.66 -19.81 6.83
CA SER A 23 -5.47 -20.27 8.19
C SER A 23 -4.94 -19.15 9.08
N CYS A 24 -5.35 -19.22 10.35
CA CYS A 24 -4.93 -18.27 11.37
CA CYS A 24 -4.96 -18.27 11.38
C CYS A 24 -4.61 -19.05 12.65
N ARG A 25 -3.56 -18.64 13.34
CA ARG A 25 -3.19 -19.29 14.58
C ARG A 25 -2.97 -18.22 15.64
N ALA A 26 -3.52 -18.44 16.81
CA ALA A 26 -3.26 -17.58 17.95
C ALA A 26 -2.14 -18.16 18.81
N SER A 27 -1.33 -17.28 19.40
CA SER A 27 -0.17 -17.70 20.17
C SER A 27 -0.57 -18.29 21.52
N GLN A 28 -1.85 -18.20 21.88
CA GLN A 28 -2.36 -18.82 23.09
C GLN A 28 -3.84 -19.03 22.87
N SER A 29 -4.48 -19.78 23.79
CA SER A 29 -5.90 -20.06 23.66
CA SER A 29 -5.90 -20.06 23.68
C SER A 29 -6.71 -18.77 23.65
N ILE A 30 -7.62 -18.67 22.67
CA ILE A 30 -8.51 -17.52 22.61
C ILE A 30 -9.97 -17.98 22.48
N SER A 31 -10.25 -19.25 22.79
CA SER A 31 -11.61 -19.75 22.65
C SER A 31 -12.09 -19.46 21.23
N SER A 32 -13.30 -18.95 21.07
CA SER A 32 -13.84 -18.63 19.75
C SER A 32 -13.88 -17.13 19.49
N TYR A 33 -13.00 -16.37 20.16
CA TYR A 33 -13.05 -14.90 20.09
C TYR A 33 -12.22 -14.40 18.90
N LEU A 34 -12.69 -14.73 17.71
CA LEU A 34 -11.87 -14.63 16.52
C LEU A 34 -12.76 -14.16 15.38
N ASN A 35 -12.35 -13.07 14.72
CA ASN A 35 -13.10 -12.49 13.61
C ASN A 35 -12.24 -12.44 12.35
N TRP A 36 -12.93 -12.41 11.21
CA TRP A 36 -12.30 -12.34 9.90
C TRP A 36 -12.81 -11.12 9.12
N TYR A 37 -11.88 -10.40 8.49
CA TYR A 37 -12.13 -9.20 7.72
C TYR A 37 -11.51 -9.34 6.33
N GLN A 38 -12.10 -8.64 5.38
CA GLN A 38 -11.63 -8.52 4.00
C GLN A 38 -11.24 -7.07 3.73
N GLN A 39 -10.10 -6.85 3.06
CA GLN A 39 -9.71 -5.49 2.71
C GLN A 39 -9.18 -5.46 1.28
N LYS A 40 -9.67 -4.53 0.51
CA LYS A 40 -9.17 -4.25 -0.81
C LYS A 40 -8.36 -2.96 -0.81
N PRO A 41 -7.44 -2.80 -1.75
CA PRO A 41 -6.58 -1.60 -1.77
C PRO A 41 -7.37 -0.28 -1.82
N GLY A 42 -6.97 0.63 -0.94
CA GLY A 42 -7.59 1.94 -0.86
C GLY A 42 -8.87 1.97 -0.06
N LYS A 43 -9.32 0.85 0.46
CA LYS A 43 -10.62 0.76 1.09
C LYS A 43 -10.49 0.26 2.51
N ALA A 44 -11.54 0.53 3.26
CA ALA A 44 -11.60 0.04 4.62
C ALA A 44 -11.89 -1.47 4.68
N PRO A 45 -11.46 -2.12 5.73
CA PRO A 45 -11.86 -3.51 5.96
C PRO A 45 -13.37 -3.67 6.06
N LYS A 46 -13.82 -4.88 5.71
CA LYS A 46 -15.20 -5.33 5.85
C LYS A 46 -15.24 -6.60 6.68
N LEU A 47 -16.21 -6.66 7.61
CA LEU A 47 -16.39 -7.87 8.41
C LEU A 47 -17.04 -9.00 7.61
N LEU A 48 -16.45 -10.19 7.69
CA LEU A 48 -17.01 -11.40 7.08
C LEU A 48 -17.62 -12.36 8.09
N ILE A 49 -16.84 -12.71 9.11
CA ILE A 49 -17.17 -13.77 10.07
C ILE A 49 -16.84 -13.23 11.45
N TYR A 50 -17.72 -13.48 12.41
CA TYR A 50 -17.41 -13.11 13.79
C TYR A 50 -17.60 -14.32 14.68
N ALA A 51 -16.91 -14.33 15.81
CA ALA A 51 -17.02 -15.43 16.78
C ALA A 51 -16.74 -16.76 16.10
N ALA A 52 -15.68 -16.76 15.31
CA ALA A 52 -15.06 -17.92 14.66
C ALA A 52 -15.88 -18.46 13.49
N SER A 53 -17.21 -18.49 13.61
CA SER A 53 -18.01 -19.21 12.63
C SER A 53 -19.34 -18.56 12.29
N SER A 54 -19.64 -17.37 12.81
CA SER A 54 -20.90 -16.71 12.51
C SER A 54 -20.76 -15.83 11.28
N LEU A 55 -21.63 -16.06 10.31
CA LEU A 55 -21.60 -15.27 9.08
C LEU A 55 -22.24 -13.92 9.33
N GLN A 56 -21.53 -12.84 9.02
CA GLN A 56 -22.08 -11.50 9.17
C GLN A 56 -23.21 -11.25 8.19
N SER A 57 -24.23 -10.53 8.66
CA SER A 57 -25.37 -10.16 7.82
C SER A 57 -24.89 -9.57 6.49
N GLY A 58 -25.46 -10.07 5.40
CA GLY A 58 -25.16 -9.56 4.09
C GLY A 58 -23.99 -10.22 3.40
N VAL A 59 -23.22 -11.01 4.13
CA VAL A 59 -22.05 -11.66 3.55
C VAL A 59 -22.51 -12.94 2.86
N PRO A 60 -22.04 -13.21 1.65
CA PRO A 60 -22.51 -14.39 0.91
C PRO A 60 -22.15 -15.69 1.63
N SER A 61 -23.00 -16.71 1.43
CA SER A 61 -22.89 -17.97 2.15
C SER A 61 -21.67 -18.79 1.73
N ARG A 62 -20.98 -18.41 0.66
CA ARG A 62 -19.76 -19.13 0.31
C ARG A 62 -18.63 -18.91 1.31
N PHE A 63 -18.74 -17.92 2.19
CA PHE A 63 -17.77 -17.69 3.26
C PHE A 63 -18.21 -18.48 4.51
N SER A 64 -17.25 -19.14 5.13
CA SER A 64 -17.52 -19.85 6.37
C SER A 64 -16.23 -19.86 7.19
N GLY A 65 -16.39 -20.03 8.49
CA GLY A 65 -15.25 -20.09 9.39
C GLY A 65 -15.38 -21.29 10.30
N SER A 66 -14.21 -21.81 10.71
CA SER A 66 -14.15 -22.91 11.65
C SER A 66 -12.96 -22.74 12.57
N ALA A 67 -12.99 -23.46 13.69
CA ALA A 67 -11.97 -23.34 14.71
C ALA A 67 -11.61 -24.71 15.25
N SER A 68 -10.32 -24.90 15.53
CA SER A 68 -9.82 -26.10 16.18
C SER A 68 -8.65 -25.68 17.09
N GLY A 69 -8.94 -25.58 18.40
CA GLY A 69 -7.92 -25.13 19.34
C GLY A 69 -7.51 -23.72 19.02
N THR A 70 -6.21 -23.52 18.85
CA THR A 70 -5.67 -22.21 18.46
C THR A 70 -5.64 -22.01 16.96
N ASP A 71 -6.18 -22.96 16.19
CA ASP A 71 -6.14 -22.92 14.73
C ASP A 71 -7.52 -22.54 14.20
N PHE A 72 -7.55 -21.55 13.33
CA PHE A 72 -8.79 -21.07 12.73
C PHE A 72 -8.66 -21.04 11.22
N THR A 73 -9.77 -21.33 10.53
CA THR A 73 -9.75 -21.31 9.08
C THR A 73 -10.96 -20.56 8.52
N LEU A 74 -10.70 -19.77 7.49
CA LEU A 74 -11.73 -19.16 6.68
C LEU A 74 -11.78 -19.90 5.35
N THR A 75 -12.96 -20.34 4.95
CA THR A 75 -13.11 -21.07 3.69
C THR A 75 -14.00 -20.27 2.77
N ILE A 76 -13.60 -20.15 1.51
CA ILE A 76 -14.46 -19.64 0.45
C ILE A 76 -14.78 -20.82 -0.45
N SER A 77 -16.07 -21.19 -0.53
CA SER A 77 -16.39 -22.47 -1.14
C SER A 77 -16.19 -22.44 -2.64
N SER A 78 -16.38 -21.27 -3.26
CA SER A 78 -16.24 -21.15 -4.71
C SER A 78 -15.93 -19.68 -4.95
N LEU A 79 -14.66 -19.39 -5.19
CA LEU A 79 -14.18 -18.02 -5.25
C LEU A 79 -14.83 -17.28 -6.40
N GLN A 80 -15.23 -16.07 -6.14
CA GLN A 80 -15.83 -15.17 -7.12
C GLN A 80 -14.93 -13.97 -7.37
N PRO A 81 -15.11 -13.27 -8.48
CA PRO A 81 -14.20 -12.14 -8.81
C PRO A 81 -14.07 -11.10 -7.70
N GLU A 82 -15.13 -10.85 -6.96
CA GLU A 82 -15.08 -9.81 -5.96
C GLU A 82 -14.33 -10.26 -4.71
N ASP A 83 -13.83 -11.49 -4.67
CA ASP A 83 -13.21 -12.00 -3.47
C ASP A 83 -11.71 -11.82 -3.44
N PHE A 84 -11.08 -11.43 -4.54
CA PHE A 84 -9.65 -11.20 -4.50
C PHE A 84 -9.39 -9.97 -3.64
N ALA A 85 -8.58 -10.15 -2.60
CA ALA A 85 -8.47 -9.19 -1.50
C ALA A 85 -7.46 -9.72 -0.52
N THR A 86 -7.16 -8.91 0.48
CA THR A 86 -6.42 -9.36 1.65
C THR A 86 -7.37 -9.67 2.79
N TYR A 87 -7.11 -10.79 3.46
CA TYR A 87 -7.97 -11.29 4.54
C TYR A 87 -7.19 -11.25 5.83
N TYR A 88 -7.81 -10.74 6.89
CA TYR A 88 -7.18 -10.61 8.19
C TYR A 88 -8.01 -11.33 9.23
N CYS A 89 -7.34 -12.03 10.14
CA CYS A 89 -8.03 -12.46 11.34
C CYS A 89 -7.74 -11.48 12.47
N GLN A 90 -8.57 -11.56 13.50
CA GLN A 90 -8.52 -10.57 14.57
C GLN A 90 -9.05 -11.22 15.85
N GLN A 91 -8.26 -11.16 16.94
CA GLN A 91 -8.71 -11.75 18.19
C GLN A 91 -9.26 -10.66 19.12
N SER A 92 -10.40 -10.98 19.76
CA SER A 92 -11.09 -10.12 20.71
C SER A 92 -11.10 -10.74 22.11
N TYR A 93 -10.14 -11.61 22.39
CA TYR A 93 -10.08 -12.28 23.69
C TYR A 93 -9.38 -11.45 24.76
N SER A 94 -8.30 -10.76 24.38
CA SER A 94 -7.54 -10.00 25.36
C SER A 94 -7.04 -8.72 24.74
N ALA A 95 -7.12 -7.64 25.47
CA ALA A 95 -6.55 -6.40 24.97
C ALA A 95 -5.04 -6.44 25.09
N PRO A 96 -4.33 -5.78 24.17
CA PRO A 96 -4.88 -5.12 22.97
C PRO A 96 -5.43 -6.13 21.99
N PHE A 97 -6.60 -5.85 21.43
CA PHE A 97 -7.08 -6.68 20.35
C PHE A 97 -6.05 -6.63 19.22
N THR A 98 -5.75 -7.77 18.64
CA THR A 98 -4.69 -7.85 17.64
C THR A 98 -5.18 -8.57 16.39
N PHE A 99 -4.60 -8.16 15.28
CA PHE A 99 -4.86 -8.70 13.96
C PHE A 99 -3.67 -9.53 13.49
N GLY A 100 -4.00 -10.53 12.67
CA GLY A 100 -3.02 -11.22 11.90
C GLY A 100 -2.47 -10.28 10.85
N PRO A 101 -1.36 -10.67 10.23
CA PRO A 101 -0.69 -9.79 9.26
C PRO A 101 -1.29 -9.81 7.87
N GLY A 102 -2.27 -10.65 7.64
CA GLY A 102 -3.03 -10.70 6.40
C GLY A 102 -2.56 -11.79 5.46
N THR A 103 -3.51 -12.32 4.70
CA THR A 103 -3.25 -13.23 3.60
C THR A 103 -3.83 -12.58 2.36
N LYS A 104 -3.00 -12.29 1.38
CA LYS A 104 -3.48 -11.73 0.13
C LYS A 104 -3.82 -12.87 -0.83
N VAL A 105 -5.04 -12.84 -1.34
CA VAL A 105 -5.53 -13.79 -2.33
C VAL A 105 -5.52 -13.06 -3.66
N ASP A 106 -4.60 -13.44 -4.54
CA ASP A 106 -4.48 -12.78 -5.83
C ASP A 106 -4.92 -13.73 -6.93
N ILE A 107 -4.99 -13.20 -8.14
CA ILE A 107 -5.55 -13.92 -9.27
C ILE A 107 -4.49 -14.81 -9.87
N GLU A 108 -4.78 -16.10 -9.94
CA GLU A 108 -3.91 -17.05 -10.60
CA GLU A 108 -3.91 -17.05 -10.60
C GLU A 108 -3.94 -16.86 -12.11
N ARG A 109 -2.80 -16.83 -12.70
CA ARG A 109 -2.65 -16.84 -14.14
C ARG A 109 -1.38 -17.57 -14.55
N THR A 110 -1.12 -17.68 -15.83
CA THR A 110 0.08 -18.34 -16.30
C THR A 110 1.30 -17.48 -15.96
N VAL A 111 2.44 -18.15 -15.86
CA VAL A 111 3.66 -17.41 -15.58
C VAL A 111 3.93 -16.44 -16.72
N ALA A 112 4.33 -15.24 -16.35
CA ALA A 112 4.63 -14.16 -17.27
C ALA A 112 5.96 -13.57 -16.84
N ALA A 113 6.98 -13.71 -17.69
CA ALA A 113 8.26 -13.09 -17.40
C ALA A 113 8.15 -11.58 -17.52
N PRO A 114 8.91 -10.85 -16.70
CA PRO A 114 8.95 -9.39 -16.88
C PRO A 114 9.70 -8.99 -18.14
N SER A 115 9.25 -7.87 -18.71
CA SER A 115 10.00 -7.14 -19.72
C SER A 115 10.76 -6.07 -18.97
N VAL A 116 12.07 -6.05 -19.15
CA VAL A 116 12.94 -5.24 -18.29
C VAL A 116 13.50 -4.07 -19.09
N PHE A 117 13.51 -2.90 -18.46
CA PHE A 117 14.00 -1.68 -19.07
C PHE A 117 14.84 -0.94 -18.04
N ILE A 118 15.92 -0.31 -18.50
CA ILE A 118 16.76 0.49 -17.62
C ILE A 118 16.83 1.90 -18.16
N PHE A 119 16.84 2.86 -17.23
CA PHE A 119 16.96 4.26 -17.57
C PHE A 119 18.13 4.93 -16.84
N PRO A 120 19.10 5.49 -17.56
CA PRO A 120 20.13 6.31 -16.92
C PRO A 120 19.54 7.54 -16.27
N PRO A 121 20.28 8.18 -15.37
CA PRO A 121 19.87 9.50 -14.90
C PRO A 121 19.86 10.50 -16.04
N SER A 122 18.92 11.42 -15.95
CA SER A 122 18.79 12.47 -16.97
C SER A 122 19.90 13.49 -16.81
N ASP A 123 20.26 14.12 -17.92
CA ASP A 123 21.17 15.26 -17.86
C ASP A 123 20.65 16.30 -16.87
N GLU A 124 19.35 16.61 -16.94
CA GLU A 124 18.76 17.57 -16.02
C GLU A 124 19.13 17.24 -14.57
N GLN A 125 18.84 16.01 -14.15
CA GLN A 125 19.06 15.67 -12.74
C GLN A 125 20.54 15.73 -12.38
N LEU A 126 21.41 15.26 -13.26
CA LEU A 126 22.82 15.19 -12.90
C LEU A 126 23.39 16.54 -12.58
N LYS A 127 22.84 17.58 -13.23
CA LYS A 127 23.26 18.95 -12.92
C LYS A 127 23.00 19.30 -11.47
N SER A 128 22.00 18.68 -10.83
CA SER A 128 21.62 19.01 -9.47
C SER A 128 22.34 18.17 -8.43
N GLY A 129 23.36 17.40 -8.83
CA GLY A 129 24.21 16.69 -7.88
C GLY A 129 23.76 15.30 -7.47
N THR A 130 22.70 14.77 -8.06
CA THR A 130 22.26 13.42 -7.70
C THR A 130 21.95 12.65 -8.97
N ALA A 131 22.09 11.33 -8.88
CA ALA A 131 21.83 10.45 -10.00
C ALA A 131 20.86 9.37 -9.55
N SER A 132 19.71 9.30 -10.22
CA SER A 132 18.73 8.24 -10.00
C SER A 132 18.77 7.32 -11.21
N VAL A 133 19.04 6.03 -10.99
CA VAL A 133 19.00 5.04 -12.04
C VAL A 133 17.78 4.17 -11.83
N VAL A 134 16.97 3.99 -12.86
CA VAL A 134 15.68 3.31 -12.69
C VAL A 134 15.65 2.02 -13.51
N CYS A 135 15.16 0.95 -12.90
CA CYS A 135 14.97 -0.35 -13.53
C CYS A 135 13.48 -0.65 -13.47
N LEU A 136 12.86 -0.91 -14.61
CA LEU A 136 11.44 -1.24 -14.71
C LEU A 136 11.28 -2.71 -15.06
N LEU A 137 10.42 -3.40 -14.28
CA LEU A 137 10.01 -4.77 -14.57
C LEU A 137 8.54 -4.71 -14.95
N ASN A 138 8.23 -4.94 -16.21
CA ASN A 138 6.86 -4.72 -16.65
C ASN A 138 6.12 -6.04 -16.83
N ASN A 139 4.93 -6.09 -16.24
CA ASN A 139 3.86 -7.07 -16.51
C ASN A 139 4.31 -8.51 -16.32
N PHE A 140 4.65 -8.84 -15.06
CA PHE A 140 5.12 -10.18 -14.72
C PHE A 140 4.16 -10.85 -13.75
N TYR A 141 4.27 -12.18 -13.68
CA TYR A 141 3.46 -12.98 -12.77
C TYR A 141 4.17 -14.30 -12.58
N PRO A 142 4.28 -14.83 -11.36
CA PRO A 142 3.80 -14.28 -10.10
C PRO A 142 4.59 -13.12 -9.59
N ARG A 143 4.13 -12.68 -8.42
CA ARG A 143 4.65 -11.47 -7.83
C ARG A 143 6.12 -11.56 -7.44
N GLU A 144 6.61 -12.74 -7.03
CA GLU A 144 7.97 -12.82 -6.55
C GLU A 144 8.96 -12.47 -7.64
N ALA A 145 9.84 -11.51 -7.33
CA ALA A 145 10.83 -11.03 -8.27
C ALA A 145 11.97 -10.46 -7.47
N LYS A 146 13.19 -10.64 -7.97
CA LYS A 146 14.39 -10.12 -7.30
C LYS A 146 15.10 -9.19 -8.28
N VAL A 147 15.40 -7.99 -7.81
CA VAL A 147 16.16 -7.00 -8.59
C VAL A 147 17.44 -6.79 -7.82
N GLN A 148 18.57 -7.01 -8.49
CA GLN A 148 19.89 -6.75 -7.93
C GLN A 148 20.57 -5.70 -8.79
N TRP A 149 21.05 -4.63 -8.17
CA TRP A 149 21.85 -3.66 -8.87
C TRP A 149 23.31 -3.99 -8.81
N LYS A 150 24.01 -3.85 -9.94
CA LYS A 150 25.43 -4.07 -9.98
C LYS A 150 26.10 -2.87 -10.64
N VAL A 151 27.13 -2.37 -10.00
CA VAL A 151 27.86 -1.22 -10.50
C VAL A 151 29.30 -1.67 -10.69
N ASP A 152 29.75 -1.73 -11.94
CA ASP A 152 31.04 -2.34 -12.30
C ASP A 152 31.16 -3.72 -11.63
N ASN A 153 30.08 -4.47 -11.72
CA ASN A 153 29.95 -5.84 -11.22
C ASN A 153 29.81 -5.91 -9.71
N ALA A 154 29.87 -4.79 -8.99
CA ALA A 154 29.73 -4.82 -7.55
C ALA A 154 28.26 -4.77 -7.15
N LEU A 155 27.83 -5.79 -6.39
CA LEU A 155 26.47 -5.85 -5.93
C LEU A 155 26.21 -4.74 -4.94
N GLN A 156 25.15 -3.98 -5.20
CA GLN A 156 24.73 -2.86 -4.36
C GLN A 156 23.77 -3.33 -3.28
N SER A 157 23.89 -2.72 -2.09
CA SER A 157 22.93 -2.90 -1.00
C SER A 157 22.72 -1.58 -0.30
N GLY A 158 21.46 -1.31 0.04
CA GLY A 158 21.15 -0.20 0.90
C GLY A 158 20.90 1.12 0.20
N ASN A 159 21.02 1.18 -1.12
CA ASN A 159 20.88 2.42 -1.87
C ASN A 159 19.84 2.34 -2.97
N SER A 160 18.86 1.45 -2.84
CA SER A 160 17.78 1.33 -3.80
C SER A 160 16.47 1.17 -3.04
N GLN A 161 15.38 1.53 -3.71
CA GLN A 161 14.03 1.37 -3.19
C GLN A 161 13.15 0.91 -4.32
N GLU A 162 12.17 0.08 -4.03
CA GLU A 162 11.33 -0.37 -5.10
C GLU A 162 9.89 -0.42 -4.70
N SER A 163 9.03 -0.15 -5.67
CA SER A 163 7.62 -0.24 -5.42
C SER A 163 6.93 -0.94 -6.57
N VAL A 164 5.74 -1.42 -6.27
CA VAL A 164 5.02 -2.39 -7.08
C VAL A 164 3.58 -1.95 -7.26
N THR A 165 3.05 -2.16 -8.45
CA THR A 165 1.64 -1.92 -8.69
C THR A 165 0.78 -3.05 -8.14
N GLU A 166 -0.53 -2.75 -8.02
CA GLU A 166 -1.49 -3.80 -7.77
C GLU A 166 -1.68 -4.64 -9.02
N GLN A 167 -2.23 -5.83 -8.84
CA GLN A 167 -2.45 -6.69 -9.99
C GLN A 167 -3.31 -6.00 -11.04
N ASP A 168 -2.88 -6.05 -12.30
CA ASP A 168 -3.47 -5.28 -13.39
C ASP A 168 -4.87 -5.77 -13.70
N SER A 169 -5.79 -4.82 -13.92
CA SER A 169 -7.17 -5.17 -14.19
C SER A 169 -7.37 -5.88 -15.54
N LYS A 170 -6.43 -5.75 -16.47
CA LYS A 170 -6.59 -6.35 -17.80
C LYS A 170 -5.85 -7.68 -17.93
N ASP A 171 -4.63 -7.77 -17.43
CA ASP A 171 -3.88 -9.00 -17.65
C ASP A 171 -3.39 -9.64 -16.38
N SER A 172 -3.83 -9.18 -15.20
CA SER A 172 -3.54 -9.81 -13.92
C SER A 172 -2.04 -9.90 -13.62
N THR A 173 -1.25 -8.99 -14.17
CA THR A 173 0.19 -8.97 -13.90
C THR A 173 0.52 -7.86 -12.91
N TYR A 174 1.78 -7.90 -12.50
CA TYR A 174 2.39 -6.90 -11.66
C TYR A 174 3.44 -6.16 -12.44
N SER A 175 3.73 -4.93 -12.01
CA SER A 175 4.91 -4.23 -12.50
C SER A 175 5.63 -3.62 -11.31
N LEU A 176 6.93 -3.39 -11.50
CA LEU A 176 7.78 -3.05 -10.38
C LEU A 176 8.84 -2.09 -10.86
N SER A 177 9.11 -1.05 -10.05
CA SER A 177 10.21 -0.14 -10.37
C SER A 177 11.22 -0.18 -9.24
N SER A 178 12.49 -0.22 -9.59
CA SER A 178 13.57 -0.15 -8.62
C SER A 178 14.42 1.06 -8.96
N THR A 179 14.71 1.88 -7.95
CA THR A 179 15.48 3.11 -8.17
C THR A 179 16.74 3.04 -7.34
N LEU A 180 17.88 3.14 -8.01
CA LEU A 180 19.19 3.24 -7.39
C LEU A 180 19.57 4.70 -7.30
N THR A 181 19.85 5.17 -6.07
CA THR A 181 20.20 6.57 -5.81
C THR A 181 21.66 6.69 -5.43
N LEU A 182 22.41 7.50 -6.19
CA LEU A 182 23.80 7.80 -5.91
C LEU A 182 24.01 9.31 -5.98
N SER A 183 25.01 9.80 -5.24
CA SER A 183 25.47 11.15 -5.52
C SER A 183 26.08 11.18 -6.92
N LYS A 184 26.07 12.38 -7.52
CA LYS A 184 26.72 12.58 -8.81
C LYS A 184 28.17 12.12 -8.77
N ALA A 185 28.91 12.48 -7.72
CA ALA A 185 30.31 12.10 -7.63
C ALA A 185 30.47 10.59 -7.63
N ASP A 186 29.64 9.88 -6.86
CA ASP A 186 29.71 8.42 -6.88
C ASP A 186 29.29 7.87 -8.23
N TYR A 187 28.25 8.45 -8.84
CA TYR A 187 27.83 7.98 -10.16
C TYR A 187 28.98 8.10 -11.16
N GLU A 188 29.75 9.18 -11.07
CA GLU A 188 30.83 9.40 -12.03
C GLU A 188 32.04 8.52 -11.77
N LYS A 189 32.11 7.82 -10.63
CA LYS A 189 33.23 6.94 -10.34
C LYS A 189 33.15 5.61 -11.08
N HIS A 190 32.00 5.25 -11.67
CA HIS A 190 31.83 3.93 -12.23
C HIS A 190 31.29 4.02 -13.64
N LYS A 191 31.44 2.91 -14.38
CA LYS A 191 31.11 2.87 -15.80
C LYS A 191 29.89 2.04 -16.10
N VAL A 192 29.78 0.80 -15.61
CA VAL A 192 28.72 -0.09 -16.03
C VAL A 192 27.65 -0.13 -14.96
N TYR A 193 26.43 0.24 -15.33
CA TYR A 193 25.28 0.19 -14.45
C TYR A 193 24.34 -0.89 -14.94
N ALA A 194 24.03 -1.83 -14.07
CA ALA A 194 23.26 -2.99 -14.48
C ALA A 194 22.20 -3.34 -13.46
N CYS A 195 21.02 -3.73 -13.95
CA CYS A 195 19.92 -4.26 -13.15
CA CYS A 195 20.04 -4.32 -13.06
C CYS A 195 19.77 -5.74 -13.54
N GLU A 196 19.88 -6.65 -12.59
CA GLU A 196 19.77 -8.08 -12.85
C GLU A 196 18.47 -8.55 -12.21
N VAL A 197 17.60 -9.13 -13.03
CA VAL A 197 16.25 -9.53 -12.65
C VAL A 197 16.17 -11.04 -12.62
N THR A 198 15.73 -11.57 -11.49
CA THR A 198 15.47 -12.97 -11.30
C THR A 198 13.98 -13.18 -11.13
N HIS A 199 13.39 -14.08 -11.91
CA HIS A 199 11.95 -14.30 -11.90
C HIS A 199 11.74 -15.66 -12.51
N GLN A 200 10.73 -16.39 -12.01
N GLN A 200 10.76 -16.40 -12.02
CA GLN A 200 10.54 -17.80 -12.40
CA GLN A 200 10.65 -17.80 -12.44
C GLN A 200 10.03 -17.96 -13.82
C GLN A 200 10.22 -17.94 -13.89
N GLY A 201 9.72 -16.88 -14.50
CA GLY A 201 9.39 -16.86 -15.91
C GLY A 201 10.61 -16.75 -16.82
N LEU A 202 11.78 -16.58 -16.21
CA LEU A 202 13.06 -16.47 -16.89
C LEU A 202 13.90 -17.71 -16.54
N SER A 203 14.38 -18.43 -17.55
CA SER A 203 15.19 -19.59 -17.24
C SER A 203 16.55 -19.21 -16.68
N SER A 204 17.03 -18.01 -17.02
CA SER A 204 18.24 -17.39 -16.50
C SER A 204 17.90 -15.95 -16.15
N PRO A 205 18.57 -15.36 -15.17
CA PRO A 205 18.30 -13.95 -14.87
C PRO A 205 18.62 -13.08 -16.07
N VAL A 206 17.85 -12.00 -16.21
CA VAL A 206 17.98 -11.05 -17.32
C VAL A 206 18.70 -9.83 -16.78
N THR A 207 19.74 -9.39 -17.47
CA THR A 207 20.44 -8.18 -17.07
C THR A 207 20.24 -7.11 -18.13
N LYS A 208 19.84 -5.92 -17.69
CA LYS A 208 19.80 -4.75 -18.56
C LYS A 208 20.83 -3.78 -18.02
N SER A 209 21.65 -3.24 -18.91
CA SER A 209 22.76 -2.44 -18.46
C SER A 209 23.04 -1.32 -19.42
N PHE A 210 23.74 -0.30 -18.92
CA PHE A 210 24.32 0.73 -19.75
C PHE A 210 25.70 1.14 -19.25
N ASN A 211 26.46 1.71 -20.18
CA ASN A 211 27.69 2.41 -19.86
C ASN A 211 27.40 3.89 -19.67
N ARG A 212 27.84 4.42 -18.54
CA ARG A 212 27.66 5.84 -18.27
C ARG A 212 28.32 6.63 -19.36
N GLY A 213 27.60 7.61 -19.89
CA GLY A 213 28.14 8.50 -20.90
C GLY A 213 27.97 8.03 -22.34
N GLU A 214 27.23 6.96 -22.58
CA GLU A 214 26.92 6.54 -23.95
C GLU A 214 25.44 6.74 -24.27
N GLN B 2 -28.80 3.38 6.05
CA GLN B 2 -27.72 2.38 5.80
C GLN B 2 -26.45 2.87 6.48
N VAL B 3 -25.85 2.05 7.35
CA VAL B 3 -24.84 2.55 8.28
C VAL B 3 -23.71 3.20 7.50
N GLN B 4 -23.33 4.41 7.90
CA GLN B 4 -22.18 5.06 7.31
C GLN B 4 -21.38 5.78 8.38
N LEU B 5 -20.06 5.72 8.26
CA LEU B 5 -19.14 6.46 9.11
C LEU B 5 -18.26 7.31 8.22
N VAL B 6 -18.37 8.64 8.37
CA VAL B 6 -17.66 9.59 7.53
C VAL B 6 -16.59 10.29 8.36
N GLN B 7 -15.34 10.08 7.97
CA GLN B 7 -14.20 10.63 8.68
C GLN B 7 -13.72 11.93 8.06
N SER B 8 -13.00 12.69 8.88
CA SER B 8 -12.46 13.96 8.43
C SER B 8 -11.28 13.73 7.48
N GLY B 9 -10.85 14.83 6.88
CA GLY B 9 -9.86 14.76 5.81
C GLY B 9 -8.43 14.55 6.28
N ALA B 10 -7.56 14.29 5.32
CA ALA B 10 -6.16 14.03 5.61
C ALA B 10 -5.52 15.19 6.36
N GLU B 11 -4.55 14.84 7.19
CA GLU B 11 -3.86 15.77 8.07
C GLU B 11 -2.36 15.61 7.90
N VAL B 12 -1.63 16.73 7.95
CA VAL B 12 -0.19 16.70 8.02
C VAL B 12 0.21 17.38 9.32
N LYS B 13 1.07 16.74 10.10
CA LYS B 13 1.44 17.22 11.42
C LYS B 13 2.95 17.09 11.62
N ARG B 14 3.49 17.90 12.54
CA ARG B 14 4.90 17.80 12.87
C ARG B 14 5.09 16.91 14.08
N PRO B 15 6.25 16.32 14.24
CA PRO B 15 6.48 15.58 15.48
C PRO B 15 6.26 16.46 16.70
N GLY B 16 5.67 15.87 17.72
CA GLY B 16 5.33 16.57 18.96
C GLY B 16 3.98 17.24 18.97
N ALA B 17 3.34 17.35 17.81
CA ALA B 17 2.04 18.00 17.70
C ALA B 17 0.94 17.01 18.07
N SER B 18 -0.30 17.46 18.00
CA SER B 18 -1.45 16.61 18.22
C SER B 18 -2.34 16.64 16.99
N VAL B 19 -3.13 15.58 16.85
CA VAL B 19 -4.14 15.52 15.81
C VAL B 19 -5.45 15.06 16.41
N LYS B 20 -6.56 15.55 15.87
CA LYS B 20 -7.88 15.09 16.28
C LYS B 20 -8.71 14.77 15.05
N VAL B 21 -9.06 13.50 14.90
CA VAL B 21 -9.82 13.00 13.76
C VAL B 21 -11.28 12.81 14.20
N SER B 22 -12.23 13.11 13.32
CA SER B 22 -13.64 12.93 13.61
C SER B 22 -14.22 11.82 12.75
N CYS B 23 -15.31 11.27 13.26
CA CYS B 23 -16.00 10.13 12.67
C CYS B 23 -17.49 10.41 12.86
N LYS B 24 -18.17 10.86 11.80
CA LYS B 24 -19.57 11.22 11.87
C LYS B 24 -20.39 10.02 11.46
N ALA B 25 -21.25 9.56 12.37
CA ALA B 25 -22.03 8.35 12.13
C ALA B 25 -23.43 8.68 11.66
N SER B 26 -23.96 7.80 10.82
CA SER B 26 -25.33 7.92 10.38
C SER B 26 -25.91 6.54 10.11
N GLY B 27 -27.22 6.49 10.12
CA GLY B 27 -27.97 5.30 9.75
C GLY B 27 -28.19 4.29 10.85
N TYR B 28 -27.95 4.68 12.10
CA TYR B 28 -28.23 3.81 13.23
C TYR B 28 -28.26 4.66 14.50
N THR B 29 -28.71 4.04 15.59
CA THR B 29 -28.85 4.77 16.86
C THR B 29 -27.48 4.82 17.53
N PHE B 30 -26.77 5.93 17.33
CA PHE B 30 -25.38 6.03 17.76
C PHE B 30 -25.19 5.70 19.25
N ILE B 31 -26.10 6.14 20.11
CA ILE B 31 -25.87 5.99 21.56
C ILE B 31 -25.98 4.55 22.03
N SER B 32 -26.48 3.64 21.19
CA SER B 32 -26.58 2.24 21.54
C SER B 32 -25.31 1.45 21.23
N TYR B 33 -24.29 2.06 20.63
CA TYR B 33 -23.14 1.32 20.12
C TYR B 33 -21.86 1.91 20.68
N GLY B 34 -20.75 1.27 20.30
CA GLY B 34 -19.44 1.79 20.60
C GLY B 34 -18.70 2.08 19.31
N ILE B 35 -17.55 2.75 19.47
CA ILE B 35 -16.66 3.12 18.38
C ILE B 35 -15.28 2.63 18.76
N SER B 36 -14.64 1.96 17.81
CA SER B 36 -13.25 1.58 17.95
C SER B 36 -12.43 2.30 16.90
N TRP B 37 -11.14 2.48 17.19
CA TRP B 37 -10.24 3.09 16.23
C TRP B 37 -9.12 2.12 15.94
N VAL B 38 -8.80 1.97 14.66
CA VAL B 38 -7.81 1.01 14.20
C VAL B 38 -6.98 1.75 13.16
N ARG B 39 -5.65 1.62 13.21
CA ARG B 39 -4.83 2.31 12.23
C ARG B 39 -3.98 1.34 11.43
N GLN B 40 -3.54 1.81 10.27
CA GLN B 40 -2.80 1.00 9.30
C GLN B 40 -1.68 1.86 8.76
N ALA B 41 -0.44 1.57 9.15
CA ALA B 41 0.68 2.32 8.61
C ALA B 41 0.90 1.92 7.16
N PRO B 42 1.52 2.78 6.36
CA PRO B 42 1.64 2.48 4.92
C PRO B 42 2.27 1.12 4.67
N GLY B 43 1.56 0.30 3.89
CA GLY B 43 2.05 -1.02 3.56
C GLY B 43 1.99 -2.03 4.69
N GLN B 44 1.41 -1.68 5.82
CA GLN B 44 1.43 -2.55 6.99
C GLN B 44 0.05 -3.07 7.28
N GLY B 45 -0.06 -3.77 8.39
CA GLY B 45 -1.29 -4.34 8.83
C GLY B 45 -2.06 -3.41 9.74
N LEU B 46 -2.96 -4.00 10.49
CA LEU B 46 -3.96 -3.27 11.24
C LEU B 46 -3.61 -3.31 12.71
N GLU B 47 -3.80 -2.17 13.41
CA GLU B 47 -3.45 -2.02 14.82
CA GLU B 47 -3.47 -2.06 14.82
C GLU B 47 -4.61 -1.39 15.57
N TRP B 48 -5.13 -2.09 16.55
CA TRP B 48 -6.22 -1.55 17.36
C TRP B 48 -5.67 -0.48 18.31
N MET B 49 -6.36 0.65 18.39
CA MET B 49 -5.98 1.75 19.26
C MET B 49 -6.81 1.84 20.52
N GLY B 50 -8.03 1.37 20.50
CA GLY B 50 -8.90 1.56 21.64
C GLY B 50 -10.36 1.55 21.23
N TRP B 51 -11.18 1.74 22.24
CA TRP B 51 -12.61 1.59 22.11
CA TRP B 51 -12.61 1.46 22.26
C TRP B 51 -13.30 2.56 23.06
N ILE B 52 -14.45 3.09 22.61
CA ILE B 52 -15.28 3.94 23.50
C ILE B 52 -16.74 3.52 23.41
N SER B 53 -17.40 3.45 24.56
CA SER B 53 -18.85 3.22 24.60
C SER B 53 -19.59 4.57 24.64
N ALA B 54 -20.51 4.78 23.69
CA ALA B 54 -21.14 6.10 23.56
C ALA B 54 -22.07 6.39 24.73
N TYR B 55 -22.63 5.35 25.34
CA TYR B 55 -23.67 5.55 26.35
C TYR B 55 -23.09 6.17 27.62
N ASN B 56 -21.98 5.62 28.11
CA ASN B 56 -21.38 6.10 29.34
C ASN B 56 -20.01 6.74 29.12
N GLY B 57 -19.53 6.76 27.89
CA GLY B 57 -18.23 7.34 27.60
C GLY B 57 -17.04 6.57 28.11
N ASN B 58 -17.23 5.32 28.56
CA ASN B 58 -16.11 4.54 29.06
CA ASN B 58 -16.12 4.51 29.05
C ASN B 58 -15.18 4.11 27.91
N THR B 59 -13.89 4.17 28.19
CA THR B 59 -12.85 3.88 27.20
C THR B 59 -11.92 2.75 27.63
N ASN B 60 -11.41 2.04 26.63
CA ASN B 60 -10.26 1.14 26.81
C ASN B 60 -9.25 1.49 25.71
N TYR B 61 -8.00 1.72 26.10
CA TYR B 61 -6.97 2.15 25.17
C TYR B 61 -5.88 1.09 25.05
N ALA B 62 -5.30 0.99 23.85
CA ALA B 62 -4.09 0.19 23.63
C ALA B 62 -2.94 0.68 24.51
N GLN B 63 -2.30 -0.28 25.19
CA GLN B 63 -1.26 0.05 26.16
C GLN B 63 -0.15 0.87 25.54
N ASN B 64 0.23 0.57 24.29
CA ASN B 64 1.32 1.30 23.67
C ASN B 64 0.95 2.75 23.38
N LEU B 65 -0.33 3.11 23.57
CA LEU B 65 -0.81 4.47 23.37
C LEU B 65 -1.35 5.14 24.64
N GLN B 66 -1.51 4.40 25.74
CA GLN B 66 -2.07 5.01 26.94
C GLN B 66 -1.27 6.23 27.35
N GLY B 67 -1.99 7.31 27.66
CA GLY B 67 -1.40 8.57 28.02
C GLY B 67 -1.36 9.57 26.87
N ARG B 68 -1.36 9.08 25.65
CA ARG B 68 -1.22 9.89 24.43
C ARG B 68 -2.50 9.97 23.62
N VAL B 69 -3.47 9.08 23.88
CA VAL B 69 -4.67 8.98 23.06
C VAL B 69 -5.88 9.30 23.94
N THR B 70 -6.81 10.06 23.36
CA THR B 70 -8.09 10.32 24.02
C THR B 70 -9.18 10.08 23.01
N MET B 71 -10.16 9.26 23.38
CA MET B 71 -11.34 9.07 22.57
C MET B 71 -12.54 9.67 23.28
N THR B 72 -13.35 10.39 22.51
CA THR B 72 -14.58 10.99 23.01
C THR B 72 -15.67 10.73 22.00
N THR B 73 -16.91 10.92 22.45
CA THR B 73 -18.04 10.99 21.55
C THR B 73 -18.91 12.14 21.99
N ASP B 74 -19.60 12.71 21.03
CA ASP B 74 -20.60 13.72 21.27
C ASP B 74 -21.91 13.02 20.93
N THR B 75 -22.66 12.60 21.96
CA THR B 75 -23.87 11.85 21.68
C THR B 75 -24.96 12.74 21.13
N SER B 76 -24.84 14.07 21.26
CA SER B 76 -25.82 14.95 20.64
C SER B 76 -25.64 15.04 19.12
N THR B 77 -24.45 14.78 18.58
CA THR B 77 -24.22 14.86 17.15
C THR B 77 -23.83 13.54 16.52
N SER B 78 -23.86 12.46 17.27
CA SER B 78 -23.39 11.19 16.74
C SER B 78 -22.02 11.30 16.07
N THR B 79 -21.06 11.94 16.75
CA THR B 79 -19.71 12.03 16.24
C THR B 79 -18.72 11.49 17.27
N ALA B 80 -17.77 10.70 16.79
CA ALA B 80 -16.69 10.22 17.63
C ALA B 80 -15.41 10.94 17.25
N TYR B 81 -14.53 11.14 18.24
CA TYR B 81 -13.28 11.86 18.03
C TYR B 81 -12.15 11.03 18.59
N MET B 82 -11.02 11.05 17.90
CA MET B 82 -9.79 10.41 18.38
C MET B 82 -8.73 11.48 18.37
N GLU B 83 -8.18 11.79 19.53
CA GLU B 83 -7.07 12.72 19.65
C GLU B 83 -5.80 11.94 19.97
N LEU B 84 -4.76 12.18 19.19
CA LEU B 84 -3.46 11.56 19.44
C LEU B 84 -2.43 12.66 19.60
N ARG B 85 -1.73 12.67 20.73
CA ARG B 85 -0.81 13.73 21.10
C ARG B 85 0.62 13.23 21.00
N SER B 86 1.55 14.17 21.14
CA SER B 86 2.98 13.87 21.12
C SER B 86 3.33 12.98 19.93
N LEU B 87 2.91 13.44 18.77
CA LEU B 87 3.00 12.64 17.56
C LEU B 87 4.44 12.34 17.20
N ARG B 88 4.66 11.14 16.68
CA ARG B 88 5.94 10.74 16.15
C ARG B 88 5.80 10.29 14.70
N SER B 89 6.92 10.27 13.98
CA SER B 89 6.87 9.94 12.55
CA SER B 89 6.87 9.94 12.55
C SER B 89 6.20 8.59 12.33
N ASP B 90 6.39 7.62 13.23
CA ASP B 90 5.77 6.32 13.00
C ASP B 90 4.30 6.26 13.41
N ASP B 91 3.70 7.38 13.80
CA ASP B 91 2.25 7.51 13.84
C ASP B 91 1.65 7.78 12.46
N THR B 92 2.47 7.90 11.43
CA THR B 92 1.96 8.05 10.07
C THR B 92 1.17 6.79 9.70
N ALA B 93 -0.10 6.98 9.38
CA ALA B 93 -0.97 5.84 9.13
C ALA B 93 -2.29 6.35 8.58
N VAL B 94 -3.08 5.41 8.09
CA VAL B 94 -4.49 5.66 7.86
C VAL B 94 -5.22 5.22 9.11
N TYR B 95 -6.03 6.11 9.64
CA TYR B 95 -6.75 5.91 10.89
C TYR B 95 -8.19 5.62 10.52
N TYR B 96 -8.74 4.53 11.04
CA TYR B 96 -10.14 4.15 10.79
C TYR B 96 -10.94 4.18 12.08
N CYS B 97 -12.19 4.64 11.97
CA CYS B 97 -13.17 4.39 13.02
C CYS B 97 -14.05 3.22 12.60
N ALA B 98 -14.59 2.51 13.58
CA ALA B 98 -15.44 1.37 13.28
C ALA B 98 -16.49 1.21 14.38
N ARG B 99 -17.64 0.72 13.98
CA ARG B 99 -18.73 0.51 14.93
C ARG B 99 -18.56 -0.84 15.63
N VAL B 100 -18.76 -0.84 16.96
CA VAL B 100 -18.78 -2.06 17.75
C VAL B 100 -20.16 -2.30 18.30
N ILE B 101 -20.61 -3.55 18.22
CA ILE B 101 -21.95 -3.94 18.67
C ILE B 101 -21.90 -4.25 20.16
N PRO B 102 -22.77 -3.64 20.97
CA PRO B 102 -22.71 -3.85 22.41
C PRO B 102 -23.22 -5.23 22.81
N GLY B 103 -22.80 -5.66 24.00
CA GLY B 103 -23.37 -6.84 24.61
C GLY B 103 -23.22 -8.12 23.84
N THR B 104 -22.23 -8.22 22.95
CA THR B 104 -21.94 -9.49 22.29
C THR B 104 -20.85 -10.21 23.06
N ALA B 105 -20.98 -11.53 23.14
CA ALA B 105 -19.93 -12.33 23.76
C ALA B 105 -18.57 -11.97 23.16
N VAL B 106 -18.51 -11.76 21.85
CA VAL B 106 -17.27 -11.44 21.15
C VAL B 106 -17.44 -10.08 20.49
N ASP B 107 -16.53 -9.17 20.77
CA ASP B 107 -16.54 -7.87 20.11
C ASP B 107 -16.08 -8.02 18.67
N TYR B 108 -16.69 -7.26 17.78
CA TYR B 108 -16.30 -7.26 16.39
C TYR B 108 -16.67 -5.91 15.80
N PHE B 109 -16.04 -5.59 14.70
CA PHE B 109 -16.11 -4.26 14.08
C PHE B 109 -16.91 -4.39 12.78
N ASP B 110 -18.19 -4.02 12.81
CA ASP B 110 -19.03 -4.46 11.72
C ASP B 110 -19.20 -3.43 10.61
N TYR B 111 -18.90 -2.15 10.88
CA TYR B 111 -18.91 -1.13 9.83
C TYR B 111 -17.74 -0.20 10.10
N TRP B 112 -17.04 0.21 9.04
CA TRP B 112 -15.83 1.01 9.15
C TRP B 112 -15.95 2.31 8.34
N GLY B 113 -15.30 3.36 8.85
CA GLY B 113 -15.20 4.60 8.11
C GLY B 113 -14.24 4.45 6.95
N GLN B 114 -14.15 5.52 6.14
CA GLN B 114 -13.33 5.44 4.95
C GLN B 114 -11.85 5.63 5.21
N GLY B 115 -11.46 6.04 6.42
CA GLY B 115 -10.06 6.22 6.75
C GLY B 115 -9.64 7.66 6.62
N THR B 116 -8.69 8.06 7.48
CA THR B 116 -8.10 9.39 7.49
C THR B 116 -6.59 9.19 7.49
N LEU B 117 -5.90 9.70 6.48
CA LEU B 117 -4.44 9.67 6.48
C LEU B 117 -3.91 10.77 7.37
N VAL B 118 -3.04 10.40 8.29
CA VAL B 118 -2.30 11.35 9.10
C VAL B 118 -0.83 11.10 8.82
N THR B 119 -0.15 12.14 8.29
CA THR B 119 1.29 12.09 8.01
C THR B 119 1.97 12.94 9.05
N VAL B 120 2.93 12.33 9.75
CA VAL B 120 3.73 13.03 10.75
C VAL B 120 5.15 13.15 10.24
N SER B 121 5.64 14.39 10.14
CA SER B 121 6.94 14.60 9.53
C SER B 121 7.44 15.97 9.87
N SER B 122 8.77 16.11 9.98
CA SER B 122 9.35 17.43 10.11
CA SER B 122 9.40 17.41 10.12
C SER B 122 9.64 18.11 8.78
N ALA B 123 9.34 17.45 7.65
CA ALA B 123 9.67 17.99 6.35
C ALA B 123 8.84 19.22 6.03
N SER B 124 9.43 20.15 5.30
CA SER B 124 8.71 21.30 4.82
C SER B 124 8.04 20.99 3.49
N THR B 125 6.91 21.62 3.26
CA THR B 125 6.23 21.48 1.97
C THR B 125 7.19 21.84 0.84
N LYS B 126 7.25 20.95 -0.17
CA LYS B 126 8.20 21.15 -1.27
C LYS B 126 7.61 20.49 -2.52
N GLY B 127 7.67 21.20 -3.64
CA GLY B 127 7.18 20.63 -4.87
C GLY B 127 8.24 19.76 -5.51
N PRO B 128 7.81 18.86 -6.39
CA PRO B 128 8.75 17.89 -6.98
C PRO B 128 9.56 18.48 -8.10
N SER B 129 10.72 17.87 -8.33
CA SER B 129 11.40 17.96 -9.62
C SER B 129 10.88 16.82 -10.49
N VAL B 130 10.73 17.06 -11.78
CA VAL B 130 10.21 16.05 -12.69
C VAL B 130 11.27 15.79 -13.77
N PHE B 131 11.78 14.54 -13.78
CA PHE B 131 12.86 14.23 -14.69
C PHE B 131 12.38 13.19 -15.69
N PRO B 132 12.84 13.27 -16.93
CA PRO B 132 12.42 12.27 -17.93
C PRO B 132 13.08 10.93 -17.71
N LEU B 133 12.31 9.86 -17.96
CA LEU B 133 12.85 8.52 -18.17
C LEU B 133 12.75 8.28 -19.68
N ALA B 134 13.83 8.60 -20.36
CA ALA B 134 13.78 8.77 -21.81
C ALA B 134 13.82 7.42 -22.50
N PRO B 135 13.02 7.21 -23.55
CA PRO B 135 13.14 5.97 -24.31
C PRO B 135 14.42 5.98 -25.13
N SER B 136 15.10 4.85 -25.10
CA SER B 136 16.30 4.63 -25.91
C SER B 136 16.21 3.22 -26.46
N SER B 137 17.33 2.69 -26.95
CA SER B 137 17.37 1.28 -27.30
C SER B 137 17.51 0.37 -26.07
N LYS B 138 17.71 0.93 -24.87
CA LYS B 138 17.79 0.18 -23.61
C LYS B 138 16.47 0.15 -22.85
N SER B 139 15.49 0.87 -23.37
CA SER B 139 14.09 0.72 -23.00
C SER B 139 13.24 0.36 -24.22
N THR B 140 13.83 -0.27 -25.23
CA THR B 140 13.11 -0.76 -26.40
C THR B 140 13.09 -2.29 -26.35
N SER B 141 11.90 -2.86 -26.54
CA SER B 141 11.70 -4.31 -26.42
C SER B 141 10.79 -4.75 -27.57
N GLY B 142 11.36 -5.34 -28.60
CA GLY B 142 10.58 -5.88 -29.69
C GLY B 142 9.47 -4.98 -30.20
N GLY B 143 9.82 -3.81 -30.71
CA GLY B 143 8.80 -2.95 -31.25
C GLY B 143 8.00 -2.17 -30.22
N THR B 144 8.28 -2.32 -28.93
CA THR B 144 7.72 -1.43 -27.92
C THR B 144 8.83 -0.80 -27.11
N ALA B 145 8.50 0.33 -26.50
CA ALA B 145 9.48 1.14 -25.79
C ALA B 145 8.84 1.64 -24.51
N ALA B 146 9.62 1.66 -23.43
CA ALA B 146 9.17 2.28 -22.20
C ALA B 146 9.75 3.67 -22.04
N LEU B 147 8.91 4.57 -21.53
CA LEU B 147 9.30 5.93 -21.19
C LEU B 147 8.55 6.30 -19.93
N GLY B 148 8.93 7.40 -19.30
CA GLY B 148 8.30 7.73 -18.05
C GLY B 148 8.80 9.04 -17.50
N CYS B 149 8.36 9.30 -16.27
CA CYS B 149 8.67 10.52 -15.53
C CYS B 149 9.02 10.10 -14.12
N LEU B 150 10.14 10.59 -13.63
CA LEU B 150 10.55 10.43 -12.24
C LEU B 150 10.16 11.70 -11.51
N VAL B 151 9.29 11.57 -10.53
CA VAL B 151 8.72 12.69 -9.80
C VAL B 151 9.36 12.68 -8.41
N LYS B 152 10.41 13.48 -8.23
CA LYS B 152 11.33 13.29 -7.12
C LYS B 152 11.25 14.43 -6.11
N ASP B 153 11.34 14.06 -4.83
CA ASP B 153 11.63 14.96 -3.73
C ASP B 153 10.51 15.96 -3.48
N TYR B 154 9.33 15.46 -3.15
CA TYR B 154 8.22 16.31 -2.79
C TYR B 154 7.69 15.93 -1.42
N PHE B 155 6.94 16.86 -0.86
CA PHE B 155 6.26 16.67 0.40
C PHE B 155 5.15 17.70 0.52
N PRO B 156 3.99 17.34 1.07
CA PRO B 156 3.54 16.00 1.45
C PRO B 156 2.96 15.28 0.24
N GLU B 157 2.44 14.10 0.45
CA GLU B 157 1.59 13.48 -0.56
C GLU B 157 0.30 14.30 -0.72
N PRO B 158 -0.39 14.17 -1.84
CA PRO B 158 -0.07 13.32 -2.99
C PRO B 158 0.35 14.12 -4.20
N VAL B 159 0.86 13.45 -5.22
CA VAL B 159 0.92 14.03 -6.56
C VAL B 159 -0.03 13.23 -7.43
N THR B 160 -0.49 13.88 -8.48
CA THR B 160 -1.20 13.20 -9.55
C THR B 160 -0.35 13.24 -10.81
N VAL B 161 -0.46 12.17 -11.59
CA VAL B 161 0.23 12.06 -12.86
C VAL B 161 -0.77 11.57 -13.89
N SER B 162 -0.89 12.30 -14.99
CA SER B 162 -1.59 11.81 -16.16
C SER B 162 -0.64 11.88 -17.33
N TRP B 163 -1.03 11.26 -18.44
CA TRP B 163 -0.24 11.30 -19.67
C TRP B 163 -1.09 11.91 -20.77
N ASN B 164 -0.53 12.89 -21.46
CA ASN B 164 -1.23 13.54 -22.57
C ASN B 164 -2.64 13.98 -22.16
N SER B 165 -2.71 14.59 -20.97
CA SER B 165 -3.95 15.17 -20.46
C SER B 165 -5.04 14.11 -20.28
N GLY B 166 -4.65 12.89 -19.92
CA GLY B 166 -5.59 11.82 -19.72
C GLY B 166 -5.98 11.07 -20.98
N ALA B 167 -5.55 11.54 -22.16
CA ALA B 167 -5.86 10.82 -23.40
C ALA B 167 -5.07 9.52 -23.53
N LEU B 168 -3.99 9.35 -22.76
CA LEU B 168 -3.17 8.16 -22.82
C LEU B 168 -3.33 7.41 -21.50
N THR B 169 -3.91 6.24 -21.56
CA THR B 169 -4.13 5.45 -20.35
C THR B 169 -3.62 4.03 -20.48
N SER B 170 -3.77 3.42 -21.65
CA SER B 170 -3.33 2.06 -21.84
C SER B 170 -1.83 1.97 -21.66
N GLY B 171 -1.39 0.95 -20.95
CA GLY B 171 0.02 0.74 -20.74
C GLY B 171 0.66 1.67 -19.73
N VAL B 172 -0.09 2.53 -19.06
CA VAL B 172 0.48 3.37 -18.02
C VAL B 172 0.56 2.59 -16.72
N HIS B 173 1.68 2.75 -16.02
CA HIS B 173 1.82 2.30 -14.64
C HIS B 173 2.37 3.45 -13.83
N THR B 174 1.59 3.94 -12.88
CA THR B 174 2.06 4.96 -11.95
C THR B 174 2.26 4.27 -10.62
N PHE B 175 3.51 4.23 -10.17
CA PHE B 175 3.86 3.43 -9.02
C PHE B 175 3.50 4.16 -7.74
N PRO B 176 3.28 3.40 -6.67
CA PRO B 176 3.16 4.02 -5.34
C PRO B 176 4.41 4.82 -5.03
N ALA B 177 4.18 5.93 -4.34
CA ALA B 177 5.30 6.72 -3.90
C ALA B 177 6.08 6.02 -2.80
N VAL B 178 7.36 6.31 -2.78
CA VAL B 178 8.22 5.81 -1.73
CA VAL B 178 8.24 5.82 -1.74
C VAL B 178 8.73 7.01 -0.92
N LEU B 179 8.86 6.79 0.38
CA LEU B 179 9.42 7.77 1.30
C LEU B 179 10.91 7.54 1.39
N GLN B 180 11.67 8.53 0.99
CA GLN B 180 13.13 8.44 1.01
C GLN B 180 13.67 8.78 2.39
N SER B 181 14.96 8.43 2.61
CA SER B 181 15.59 8.72 3.90
C SER B 181 15.65 10.23 4.18
N SER B 182 15.57 11.07 3.16
CA SER B 182 15.52 12.51 3.32
C SER B 182 14.22 13.01 3.95
N GLY B 183 13.20 12.18 4.02
CA GLY B 183 11.88 12.60 4.41
C GLY B 183 10.99 13.09 3.28
N LEU B 184 11.51 13.10 2.06
CA LEU B 184 10.75 13.50 0.89
C LEU B 184 10.32 12.26 0.10
N TYR B 185 9.19 12.37 -0.57
CA TYR B 185 8.66 11.29 -1.40
C TYR B 185 9.20 11.33 -2.82
N SER B 186 9.13 10.18 -3.48
CA SER B 186 9.43 10.11 -4.89
C SER B 186 8.54 9.05 -5.53
N LEU B 187 8.13 9.28 -6.77
CA LEU B 187 7.51 8.19 -7.48
C LEU B 187 7.80 8.31 -8.96
N SER B 188 7.59 7.20 -9.64
CA SER B 188 7.78 7.12 -11.08
C SER B 188 6.47 6.74 -11.73
N SER B 189 6.23 7.31 -12.92
CA SER B 189 5.15 6.89 -13.78
C SER B 189 5.76 6.50 -15.12
N VAL B 190 5.37 5.33 -15.64
CA VAL B 190 5.90 4.84 -16.90
C VAL B 190 4.76 4.47 -17.83
N VAL B 191 5.09 4.41 -19.11
CA VAL B 191 4.14 3.95 -20.10
C VAL B 191 4.92 3.24 -21.17
N THR B 192 4.35 2.18 -21.71
CA THR B 192 4.93 1.50 -22.85
C THR B 192 4.13 1.84 -24.08
N VAL B 193 4.86 2.06 -25.18
CA VAL B 193 4.25 2.53 -26.41
C VAL B 193 4.95 1.87 -27.59
N PRO B 194 4.33 1.90 -28.76
CA PRO B 194 5.02 1.38 -29.95
C PRO B 194 6.31 2.16 -30.21
N SER B 195 7.41 1.42 -30.42
CA SER B 195 8.70 2.04 -30.66
CA SER B 195 8.68 2.08 -30.65
C SER B 195 8.71 2.84 -31.96
N SER B 196 7.89 2.45 -32.92
CA SER B 196 7.81 3.23 -34.16
C SER B 196 7.04 4.52 -33.96
N SER B 197 6.34 4.67 -32.84
CA SER B 197 5.62 5.91 -32.57
C SER B 197 6.54 7.01 -32.07
N LEU B 198 7.78 6.69 -31.68
CA LEU B 198 8.55 7.63 -30.88
C LEU B 198 8.78 8.94 -31.63
N GLY B 199 9.42 8.87 -32.79
CA GLY B 199 9.67 10.08 -33.55
C GLY B 199 8.40 10.78 -33.99
N THR B 200 7.28 10.06 -34.06
CA THR B 200 6.08 10.59 -34.68
C THR B 200 4.96 10.96 -33.71
N GLN B 201 5.17 10.85 -32.40
CA GLN B 201 4.10 11.17 -31.46
CA GLN B 201 4.10 11.16 -31.45
C GLN B 201 4.70 11.77 -30.20
N THR B 202 3.89 12.60 -29.53
CA THR B 202 4.31 13.37 -28.36
C THR B 202 3.79 12.74 -27.07
N TYR B 203 4.68 12.64 -26.07
CA TYR B 203 4.35 12.04 -24.79
C TYR B 203 4.64 13.03 -23.68
N ILE B 204 3.59 13.42 -22.93
CA ILE B 204 3.66 14.44 -21.89
C ILE B 204 3.13 13.82 -20.61
N CYS B 205 3.92 13.88 -19.55
CA CYS B 205 3.43 13.50 -18.24
C CYS B 205 3.00 14.76 -17.50
N ASN B 206 1.79 14.75 -16.99
CA ASN B 206 1.22 15.93 -16.35
C ASN B 206 1.28 15.72 -14.86
N VAL B 207 2.16 16.44 -14.18
CA VAL B 207 2.41 16.25 -12.75
C VAL B 207 1.81 17.43 -11.99
N ASN B 208 0.89 17.13 -11.06
CA ASN B 208 0.27 18.15 -10.22
C ASN B 208 0.50 17.83 -8.75
N HIS B 209 1.14 18.75 -8.05
CA HIS B 209 1.35 18.68 -6.60
C HIS B 209 0.64 19.86 -5.97
N LYS B 210 -0.62 19.65 -5.60
CA LYS B 210 -1.45 20.74 -5.10
C LYS B 210 -0.89 21.36 -3.82
N PRO B 211 -0.36 20.60 -2.87
CA PRO B 211 0.07 21.22 -1.61
C PRO B 211 1.06 22.34 -1.80
N SER B 212 1.97 22.21 -2.76
CA SER B 212 2.91 23.26 -3.07
C SER B 212 2.42 24.10 -4.24
N ASN B 213 1.21 23.84 -4.75
CA ASN B 213 0.69 24.54 -5.94
C ASN B 213 1.68 24.41 -7.11
N THR B 214 2.28 23.24 -7.24
CA THR B 214 3.22 22.93 -8.30
C THR B 214 2.48 22.12 -9.35
N LYS B 215 2.48 22.61 -10.59
CA LYS B 215 1.95 21.87 -11.73
C LYS B 215 3.01 21.83 -12.81
N VAL B 216 3.27 20.66 -13.36
CA VAL B 216 4.32 20.46 -14.35
C VAL B 216 3.82 19.52 -15.42
N ASP B 217 3.96 19.94 -16.67
CA ASP B 217 3.79 19.08 -17.83
C ASP B 217 5.16 18.84 -18.44
N LYS B 218 5.62 17.59 -18.44
CA LYS B 218 6.96 17.27 -18.92
C LYS B 218 6.87 16.43 -20.19
N ARG B 219 7.41 16.97 -21.29
CA ARG B 219 7.53 16.22 -22.52
C ARG B 219 8.77 15.33 -22.43
N VAL B 220 8.58 14.05 -22.74
CA VAL B 220 9.62 13.05 -22.64
C VAL B 220 9.99 12.65 -24.06
N GLU B 221 11.24 12.90 -24.43
CA GLU B 221 11.60 12.73 -25.82
C GLU B 221 12.72 11.72 -25.94
N PRO B 222 12.76 10.94 -27.02
CA PRO B 222 13.76 9.89 -27.16
C PRO B 222 15.18 10.42 -27.12
N LYS B 223 16.11 9.53 -26.79
CA LYS B 223 17.52 9.88 -26.71
C LYS B 223 18.28 9.36 -27.93
#